data_6A0M
#
_entry.id   6A0M
#
_cell.length_a   138.150
_cell.length_b   138.150
_cell.length_c   111.217
_cell.angle_alpha   90.00
_cell.angle_beta   90.00
_cell.angle_gamma   90.00
#
_symmetry.space_group_name_H-M   'I 4 2 2'
#
loop_
_entity.id
_entity.type
_entity.pdbx_description
1 polymer '4-hydroxymandelate oxidase'
2 non-polymer 'FLAVIN MONONUCLEOTIDE'
3 non-polymer '2-PHENYLACETIC ACID'
4 water water
#
_entity_poly.entity_id   1
_entity_poly.type   'polypeptide(L)'
_entity_poly.pdbx_seq_one_letter_code
;MGSSHHHHHHSSGLVPRGSHMTYVSLADLERAARDVLPGEIFDFLAGGSGTEASLVANRTALERVFVIPRMLRDLTDVTT
EIDIFGRRAALPMAVAPVAYQRLFHPEGELAVARAARDAGVPYTICTLSSVSLEEIAAVGGRPWFQLFWLRDEKRSLDLV
RRAEDAGCEAIVFTVDVPWMGRRLRDMRNGFALPEWVTAANFDAGTAAHRRTQGVSAVADHTAREFAPATWESVEAVRAH
TDLPVVLKGILAVEDARRAVDAGAGGIVVSNHGGRQLDGAVPGIEMLGEIVAAVSGGCEVLVDGGIRSGGDVLKATALGA
SAVLVGRPVMWALAAAGQDGVRQLLELLAEEVRDAMGLAGCESVGAARRLNTKLGVV
;
_entity_poly.pdbx_strand_id   A
#
loop_
_chem_comp.id
_chem_comp.type
_chem_comp.name
_chem_comp.formula
FMN non-polymer 'FLAVIN MONONUCLEOTIDE' 'C17 H21 N4 O9 P'
PAC non-polymer '2-PHENYLACETIC ACID' 'C8 H8 O2'
#
# COMPACT_ATOMS: atom_id res chain seq x y z
N SER A 25 -6.36 13.37 -13.85
CA SER A 25 -5.80 11.99 -13.70
C SER A 25 -4.38 11.94 -13.07
N LEU A 26 -4.07 10.76 -12.53
CA LEU A 26 -2.78 10.47 -11.92
C LEU A 26 -1.68 10.46 -12.98
N ALA A 27 -2.05 10.35 -14.25
CA ALA A 27 -1.08 10.42 -15.36
C ALA A 27 -0.48 11.80 -15.51
N ASP A 28 -1.27 12.82 -15.20
CA ASP A 28 -0.73 14.19 -15.23
C ASP A 28 0.55 14.25 -14.36
N LEU A 29 0.41 13.82 -13.08
CA LEU A 29 1.48 13.89 -12.07
C LEU A 29 2.73 13.14 -12.47
N GLU A 30 2.62 12.01 -13.17
CA GLU A 30 3.81 11.25 -13.46
C GLU A 30 4.79 12.09 -14.29
N ARG A 31 4.29 12.86 -15.26
CA ARG A 31 5.22 13.63 -16.12
C ARG A 31 5.85 14.79 -15.36
N ALA A 32 5.03 15.48 -14.60
CA ALA A 32 5.50 16.52 -13.67
C ALA A 32 6.65 16.00 -12.79
N ALA A 33 6.47 14.82 -12.15
CA ALA A 33 7.58 14.25 -11.39
C ALA A 33 8.79 13.89 -12.26
N ARG A 34 8.58 13.43 -13.50
CA ARG A 34 9.72 13.07 -14.36
C ARG A 34 10.55 14.34 -14.66
N ASP A 35 9.85 15.43 -14.93
CA ASP A 35 10.52 16.71 -15.17
C ASP A 35 11.38 17.19 -14.00
N VAL A 36 10.85 17.12 -12.77
CA VAL A 36 11.57 17.69 -11.62
C VAL A 36 12.65 16.79 -11.05
N LEU A 37 12.47 15.46 -11.05
CA LEU A 37 13.42 14.62 -10.34
C LEU A 37 14.65 14.35 -11.18
N PRO A 38 15.79 14.24 -10.53
CA PRO A 38 16.93 13.69 -11.22
C PRO A 38 16.58 12.31 -11.80
N GLY A 39 16.89 12.09 -13.08
CA GLY A 39 16.77 10.77 -13.70
C GLY A 39 16.99 9.51 -12.85
N GLU A 40 18.09 9.44 -12.10
CA GLU A 40 18.42 8.24 -11.33
C GLU A 40 17.42 8.06 -10.19
N ILE A 41 16.87 9.16 -9.66
CA ILE A 41 15.89 9.09 -8.60
C ILE A 41 14.53 8.72 -9.17
N PHE A 42 14.15 9.29 -10.32
CA PHE A 42 12.95 8.85 -10.99
C PHE A 42 13.01 7.34 -11.27
N ASP A 43 14.20 6.82 -11.60
CA ASP A 43 14.36 5.40 -11.86
C ASP A 43 14.29 4.53 -10.63
N PHE A 44 14.84 4.98 -9.51
CA PHE A 44 14.74 4.29 -8.27
C PHE A 44 13.23 4.12 -8.00
N LEU A 45 12.46 5.17 -8.26
CA LEU A 45 11.03 5.17 -7.96
C LEU A 45 10.24 4.26 -8.92
N ALA A 46 10.50 4.37 -10.21
CA ALA A 46 9.67 3.74 -11.24
C ALA A 46 9.99 2.25 -11.41
N GLY A 47 11.23 1.87 -11.13
CA GLY A 47 11.76 0.60 -11.61
C GLY A 47 11.21 -0.63 -10.89
N GLY A 48 11.44 -1.77 -11.52
CA GLY A 48 11.19 -3.06 -10.90
C GLY A 48 12.42 -3.91 -10.97
N SER A 49 12.29 -5.16 -10.54
CA SER A 49 13.40 -6.07 -10.59
C SER A 49 13.50 -6.76 -11.96
N GLY A 50 14.65 -7.33 -12.26
CA GLY A 50 14.77 -8.17 -13.44
C GLY A 50 14.40 -7.47 -14.74
N THR A 51 13.58 -8.15 -15.52
CA THR A 51 13.11 -7.56 -16.76
C THR A 51 11.82 -6.73 -16.59
N GLU A 52 11.38 -6.51 -15.36
CA GLU A 52 10.20 -5.71 -15.06
C GLU A 52 8.92 -6.37 -15.51
N ALA A 53 8.95 -7.70 -15.59
CA ALA A 53 7.77 -8.42 -15.99
C ALA A 53 6.61 -8.26 -14.98
N SER A 54 6.92 -8.31 -13.70
CA SER A 54 5.90 -8.24 -12.69
C SER A 54 5.38 -6.81 -12.55
N LEU A 55 6.28 -5.86 -12.76
CA LEU A 55 5.90 -4.44 -12.77
C LEU A 55 4.86 -4.15 -13.85
N VAL A 56 5.15 -4.59 -15.07
CA VAL A 56 4.18 -4.42 -16.16
C VAL A 56 2.90 -5.23 -15.93
N ALA A 57 3.05 -6.46 -15.39
CA ALA A 57 1.88 -7.34 -15.19
C ALA A 57 0.89 -6.73 -14.18
N ASN A 58 1.39 -5.97 -13.22
CA ASN A 58 0.47 -5.30 -12.25
C ASN A 58 -0.56 -4.44 -13.02
N ARG A 59 -0.09 -3.69 -13.99
CA ARG A 59 -1.00 -2.89 -14.81
CA ARG A 59 -0.96 -2.84 -14.79
C ARG A 59 -1.81 -3.66 -15.76
N THR A 60 -1.20 -4.59 -16.48
N THR A 60 -1.22 -4.60 -16.47
CA THR A 60 -1.94 -5.45 -17.41
CA THR A 60 -2.01 -5.35 -17.45
C THR A 60 -3.11 -6.12 -16.73
C THR A 60 -3.08 -6.22 -16.79
N ALA A 61 -2.85 -6.68 -15.56
CA ALA A 61 -3.85 -7.41 -14.84
C ALA A 61 -5.06 -6.54 -14.49
N LEU A 62 -4.84 -5.31 -14.01
CA LEU A 62 -5.93 -4.41 -13.75
C LEU A 62 -6.69 -4.04 -15.00
N GLU A 63 -5.96 -3.81 -16.07
CA GLU A 63 -6.61 -3.44 -17.32
C GLU A 63 -7.49 -4.50 -17.89
N ARG A 64 -7.30 -5.75 -17.54
CA ARG A 64 -8.11 -6.83 -18.06
C ARG A 64 -9.42 -6.99 -17.28
N VAL A 65 -9.52 -6.37 -16.12
CA VAL A 65 -10.69 -6.51 -15.26
C VAL A 65 -11.76 -5.50 -15.66
N PHE A 66 -12.97 -5.99 -15.89
CA PHE A 66 -14.12 -5.11 -16.17
C PHE A 66 -15.12 -5.31 -15.08
N VAL A 67 -15.75 -4.22 -14.66
CA VAL A 67 -16.78 -4.28 -13.65
C VAL A 67 -18.14 -4.40 -14.29
N ILE A 68 -19.03 -5.15 -13.68
CA ILE A 68 -20.43 -5.22 -14.07
C ILE A 68 -21.24 -4.33 -13.12
N PRO A 69 -21.52 -3.09 -13.55
CA PRO A 69 -22.18 -2.15 -12.63
C PRO A 69 -23.63 -2.45 -12.41
N ARG A 70 -24.19 -2.06 -11.28
CA ARG A 70 -25.59 -2.16 -11.01
C ARG A 70 -26.25 -0.80 -11.15
N MET A 71 -27.51 -0.83 -11.50
CA MET A 71 -28.27 0.40 -11.78
C MET A 71 -29.44 0.54 -10.80
N LEU A 72 -29.91 1.76 -10.68
CA LEU A 72 -31.24 2.11 -10.11
C LEU A 72 -31.29 1.88 -8.61
N ARG A 73 -30.11 1.86 -7.98
CA ARG A 73 -30.05 1.74 -6.51
C ARG A 73 -30.04 3.12 -5.85
N ASP A 74 -30.37 3.19 -4.59
CA ASP A 74 -30.37 4.46 -3.87
C ASP A 74 -28.95 4.95 -3.64
N LEU A 75 -28.66 6.14 -4.11
CA LEU A 75 -27.36 6.71 -3.97
C LEU A 75 -27.50 8.03 -3.20
N THR A 76 -28.48 8.15 -2.33
CA THR A 76 -28.70 9.49 -1.70
C THR A 76 -27.60 9.82 -0.70
N ASP A 77 -27.00 8.79 -0.13
CA ASP A 77 -25.95 8.88 0.86
C ASP A 77 -24.69 8.01 0.53
N VAL A 78 -24.10 8.22 -0.63
CA VAL A 78 -22.96 7.43 -1.06
C VAL A 78 -21.82 7.79 -0.10
N THR A 79 -21.17 6.79 0.48
CA THR A 79 -20.02 7.03 1.30
C THR A 79 -18.86 6.14 0.90
N THR A 80 -17.68 6.71 0.85
CA THR A 80 -16.47 5.94 0.58
C THR A 80 -15.75 5.47 1.83
N GLU A 81 -16.34 5.67 3.02
CA GLU A 81 -15.66 5.37 4.27
C GLU A 81 -15.60 3.92 4.54
N ILE A 82 -14.58 3.49 5.23
CA ILE A 82 -14.54 2.13 5.73
C ILE A 82 -14.02 2.18 7.18
N ASP A 83 -14.24 1.12 7.90
CA ASP A 83 -13.59 0.89 9.22
C ASP A 83 -12.55 -0.14 9.00
N ILE A 84 -11.33 0.17 9.42
CA ILE A 84 -10.29 -0.80 9.29
C ILE A 84 -9.34 -0.75 10.49
N PHE A 85 -9.00 -1.92 11.04
CA PHE A 85 -8.04 -1.97 12.18
C PHE A 85 -8.42 -0.95 13.23
N GLY A 86 -9.69 -0.96 13.63
CA GLY A 86 -10.14 -0.14 14.70
C GLY A 86 -10.58 1.28 14.36
N ARG A 87 -10.37 1.74 13.13
CA ARG A 87 -10.57 3.14 12.87
C ARG A 87 -11.26 3.40 11.55
N ARG A 88 -11.94 4.53 11.49
CA ARG A 88 -12.57 4.99 10.29
C ARG A 88 -11.53 5.53 9.34
N ALA A 89 -11.61 5.20 8.06
CA ALA A 89 -10.76 5.84 7.05
C ALA A 89 -11.71 6.47 6.04
N ALA A 90 -11.30 7.56 5.40
CA ALA A 90 -12.18 8.31 4.48
C ALA A 90 -12.41 7.60 3.14
N LEU A 91 -11.44 6.74 2.77
CA LEU A 91 -11.46 5.98 1.51
C LEU A 91 -10.94 4.58 1.81
N PRO A 92 -11.23 3.62 0.93
CA PRO A 92 -10.66 2.28 1.14
C PRO A 92 -9.24 2.21 0.64
N MET A 93 -8.38 3.05 1.21
CA MET A 93 -7.04 3.23 0.73
C MET A 93 -6.13 3.74 1.80
N ALA A 94 -4.87 3.32 1.75
CA ALA A 94 -3.81 3.85 2.56
C ALA A 94 -2.60 4.14 1.71
N VAL A 95 -1.72 5.03 2.19
CA VAL A 95 -0.45 5.28 1.53
C VAL A 95 0.51 4.13 1.82
N ALA A 96 1.04 3.53 0.74
CA ALA A 96 1.91 2.37 0.91
C ALA A 96 3.19 2.81 1.55
N PRO A 97 3.85 1.91 2.25
CA PRO A 97 5.25 2.19 2.65
C PRO A 97 6.20 2.39 1.48
N VAL A 98 6.85 3.56 1.44
CA VAL A 98 7.87 3.84 0.44
C VAL A 98 9.08 4.45 1.17
N ALA A 99 10.20 3.75 1.13
CA ALA A 99 11.37 4.16 1.92
C ALA A 99 11.92 5.54 1.44
N TYR A 100 12.56 6.28 2.35
CA TYR A 100 13.43 7.40 1.90
C TYR A 100 12.76 8.51 1.09
N GLN A 101 11.64 9.01 1.61
CA GLN A 101 10.83 9.94 0.84
C GLN A 101 11.48 11.33 0.68
N ARG A 102 12.49 11.63 1.48
CA ARG A 102 13.25 12.87 1.21
C ARG A 102 13.97 12.78 -0.08
N LEU A 103 14.12 11.57 -0.66
CA LEU A 103 14.62 11.53 -1.99
C LEU A 103 13.81 12.33 -2.96
N PHE A 104 12.49 12.47 -2.73
CA PHE A 104 11.59 13.06 -3.70
C PHE A 104 11.26 14.53 -3.44
N HIS A 105 11.40 14.94 -2.20
CA HIS A 105 11.07 16.32 -1.78
C HIS A 105 11.72 16.57 -0.44
N PRO A 106 12.12 17.84 -0.18
CA PRO A 106 12.84 18.08 1.09
C PRO A 106 12.05 17.82 2.35
N GLU A 107 10.73 17.94 2.30
CA GLU A 107 9.90 17.67 3.46
C GLU A 107 9.58 16.16 3.61
N GLY A 108 9.83 15.41 2.56
CA GLY A 108 9.74 13.93 2.64
C GLY A 108 8.49 13.44 3.31
N GLU A 109 8.67 12.58 4.28
CA GLU A 109 7.55 11.89 4.89
C GLU A 109 6.61 12.84 5.61
N LEU A 110 7.14 13.97 6.11
CA LEU A 110 6.24 14.86 6.82
C LEU A 110 5.21 15.45 5.90
N ALA A 111 5.58 15.83 4.68
CA ALA A 111 4.63 16.35 3.72
C ALA A 111 3.52 15.30 3.36
N VAL A 112 3.97 14.07 3.16
CA VAL A 112 3.00 13.03 2.78
C VAL A 112 2.06 12.76 3.92
N ALA A 113 2.61 12.62 5.12
CA ALA A 113 1.83 12.30 6.27
C ALA A 113 0.82 13.40 6.63
N ARG A 114 1.22 14.66 6.48
CA ARG A 114 0.26 15.72 6.71
C ARG A 114 -0.94 15.69 5.75
N ALA A 115 -0.67 15.49 4.47
CA ALA A 115 -1.69 15.40 3.42
C ALA A 115 -2.61 14.21 3.71
N ALA A 116 -1.99 13.08 4.09
CA ALA A 116 -2.77 11.89 4.41
C ALA A 116 -3.67 12.13 5.57
N ARG A 117 -3.14 12.69 6.65
CA ARG A 117 -3.97 13.04 7.77
C ARG A 117 -5.12 13.92 7.36
N ASP A 118 -4.84 14.94 6.56
CA ASP A 118 -5.90 15.91 6.23
C ASP A 118 -6.99 15.27 5.36
N ALA A 119 -6.61 14.23 4.60
CA ALA A 119 -7.53 13.49 3.69
C ALA A 119 -8.28 12.37 4.40
N GLY A 120 -7.86 12.06 5.61
CA GLY A 120 -8.44 10.99 6.36
C GLY A 120 -7.98 9.60 5.87
N VAL A 121 -6.79 9.52 5.34
CA VAL A 121 -6.22 8.28 4.78
CA VAL A 121 -6.33 8.18 4.96
C VAL A 121 -5.07 7.81 5.70
N PRO A 122 -4.97 6.50 6.06
CA PRO A 122 -3.82 6.08 6.80
C PRO A 122 -2.54 6.22 6.04
N TYR A 123 -1.49 6.60 6.75
CA TYR A 123 -0.19 6.76 6.22
C TYR A 123 0.71 5.66 6.86
N THR A 124 1.40 4.89 6.03
CA THR A 124 2.38 3.89 6.50
C THR A 124 3.78 4.45 6.67
N ILE A 125 4.18 4.59 7.92
CA ILE A 125 5.58 5.03 8.26
C ILE A 125 6.53 3.84 8.04
N CYS A 126 7.59 4.06 7.31
CA CYS A 126 8.55 3.03 7.01
C CYS A 126 9.65 2.84 8.04
N THR A 127 10.08 1.60 8.18
CA THR A 127 11.31 1.30 8.92
C THR A 127 12.48 2.13 8.36
N LEU A 128 12.58 2.27 7.04
CA LEU A 128 13.62 3.03 6.41
C LEU A 128 13.14 4.46 6.08
N SER A 129 12.40 5.07 6.98
CA SER A 129 11.94 6.45 6.75
C SER A 129 13.14 7.41 6.88
N SER A 130 13.12 8.49 6.12
CA SER A 130 14.19 9.49 6.15
C SER A 130 13.88 10.59 7.16
N VAL A 131 12.78 10.47 7.89
CA VAL A 131 12.47 11.30 9.06
C VAL A 131 12.11 10.28 10.07
N SER A 132 12.44 10.53 11.34
CA SER A 132 12.19 9.56 12.38
C SER A 132 10.70 9.26 12.53
N LEU A 133 10.39 8.03 12.92
CA LEU A 133 9.01 7.62 13.05
C LEU A 133 8.28 8.42 14.09
N GLU A 134 8.96 8.84 15.15
CA GLU A 134 8.27 9.61 16.18
C GLU A 134 7.86 11.01 15.65
N GLU A 135 8.69 11.64 14.85
CA GLU A 135 8.35 12.90 14.19
C GLU A 135 7.18 12.75 13.22
N ILE A 136 7.21 11.65 12.44
CA ILE A 136 6.10 11.43 11.53
C ILE A 136 4.85 11.20 12.27
N ALA A 137 4.86 10.40 13.32
CA ALA A 137 3.65 10.12 14.05
C ALA A 137 3.07 11.36 14.73
N ALA A 138 3.97 12.27 15.11
CA ALA A 138 3.52 13.54 15.75
C ALA A 138 2.65 14.36 14.86
N VAL A 139 2.80 14.22 13.56
CA VAL A 139 1.89 14.86 12.62
C VAL A 139 0.40 14.56 12.96
N GLY A 140 0.12 13.40 13.53
CA GLY A 140 -1.24 12.96 13.86
C GLY A 140 -1.79 12.04 12.74
N GLY A 141 -3.09 12.04 12.58
CA GLY A 141 -3.73 11.22 11.53
C GLY A 141 -3.77 9.78 11.99
N ARG A 142 -3.73 8.82 11.05
CA ARG A 142 -3.88 7.40 11.41
C ARG A 142 -2.60 6.69 11.01
N PRO A 143 -1.48 6.89 11.73
CA PRO A 143 -0.29 6.32 11.17
C PRO A 143 -0.25 4.78 11.44
N TRP A 144 0.21 4.05 10.44
CA TRP A 144 0.63 2.65 10.60
C TRP A 144 2.12 2.60 10.55
N PHE A 145 2.74 1.50 11.00
CA PHE A 145 4.16 1.37 10.91
C PHE A 145 4.55 0.09 10.18
N GLN A 146 5.42 0.22 9.17
CA GLN A 146 5.93 -0.92 8.41
C GLN A 146 7.23 -1.39 9.04
N LEU A 147 7.31 -2.67 9.28
CA LEU A 147 8.48 -3.33 9.87
C LEU A 147 9.26 -4.16 8.87
N PHE A 148 10.56 -3.94 8.80
CA PHE A 148 11.49 -4.90 8.25
C PHE A 148 12.16 -5.58 9.42
N TRP A 149 12.27 -6.91 9.35
CA TRP A 149 12.89 -7.67 10.39
C TRP A 149 14.39 -7.42 10.45
N LEU A 150 14.87 -7.09 11.64
CA LEU A 150 16.28 -6.80 11.82
C LEU A 150 17.02 -8.09 12.24
N ARG A 151 18.32 -8.14 11.93
CA ARG A 151 19.33 -8.96 12.62
C ARG A 151 18.89 -9.56 13.95
N ASP A 152 18.45 -8.69 14.85
CA ASP A 152 18.28 -9.01 16.24
C ASP A 152 16.80 -9.01 16.61
N GLU A 153 16.23 -10.15 17.00
CA GLU A 153 14.85 -10.14 17.45
C GLU A 153 14.55 -8.96 18.45
N LYS A 154 15.55 -8.55 19.24
CA LYS A 154 15.34 -7.53 20.26
C LYS A 154 15.25 -6.14 19.67
N ARG A 155 16.06 -5.84 18.69
CA ARG A 155 15.95 -4.57 18.02
C ARG A 155 14.65 -4.48 17.20
N SER A 156 14.21 -5.61 16.62
CA SER A 156 12.98 -5.61 15.83
C SER A 156 11.84 -5.26 16.75
N LEU A 157 11.79 -5.91 17.91
CA LEU A 157 10.72 -5.71 18.81
C LEU A 157 10.77 -4.30 19.42
N ASP A 158 11.98 -3.69 19.49
CA ASP A 158 12.11 -2.34 20.03
CA ASP A 158 12.13 -2.29 19.98
C ASP A 158 11.51 -1.35 19.01
N LEU A 159 11.66 -1.65 17.73
CA LEU A 159 11.14 -0.79 16.73
C LEU A 159 9.63 -0.88 16.82
N VAL A 160 9.12 -2.07 17.01
CA VAL A 160 7.69 -2.21 17.16
C VAL A 160 7.18 -1.41 18.36
N ARG A 161 7.87 -1.57 19.48
CA ARG A 161 7.47 -0.88 20.70
C ARG A 161 7.55 0.65 20.48
N ARG A 162 8.57 1.15 19.81
CA ARG A 162 8.64 2.58 19.52
C ARG A 162 7.40 3.01 18.77
N ALA A 163 7.05 2.22 17.74
CA ALA A 163 5.93 2.61 16.90
C ALA A 163 4.66 2.66 17.70
N GLU A 164 4.43 1.65 18.52
CA GLU A 164 3.24 1.57 19.30
C GLU A 164 3.16 2.79 20.34
N ASP A 165 4.27 3.05 21.02
CA ASP A 165 4.41 4.17 21.96
C ASP A 165 4.15 5.47 21.24
N ALA A 166 4.51 5.59 19.96
CA ALA A 166 4.24 6.82 19.21
C ALA A 166 2.85 7.00 18.70
N GLY A 167 2.00 6.00 18.88
CA GLY A 167 0.62 6.05 18.47
C GLY A 167 0.29 5.42 17.12
N CYS A 168 1.20 4.59 16.59
CA CYS A 168 0.86 3.87 15.34
C CYS A 168 -0.24 2.84 15.65
N GLU A 169 -1.14 2.57 14.72
N GLU A 169 -1.10 2.59 14.67
CA GLU A 169 -2.30 1.73 15.00
CA GLU A 169 -2.35 1.84 14.85
C GLU A 169 -2.31 0.36 14.33
C GLU A 169 -2.29 0.40 14.35
N ALA A 170 -1.25 0.08 13.60
CA ALA A 170 -1.07 -1.26 13.02
C ALA A 170 0.38 -1.46 12.67
N ILE A 171 0.84 -2.71 12.71
CA ILE A 171 2.20 -3.04 12.30
C ILE A 171 2.07 -3.76 10.94
N VAL A 172 2.66 -3.20 9.92
CA VAL A 172 2.65 -3.74 8.54
C VAL A 172 3.97 -4.42 8.44
N PHE A 173 3.98 -5.74 8.63
CA PHE A 173 5.22 -6.52 8.62
C PHE A 173 5.47 -6.95 7.17
N THR A 174 6.51 -6.42 6.56
CA THR A 174 6.86 -6.78 5.20
C THR A 174 7.52 -8.15 5.20
N VAL A 175 6.89 -9.08 4.47
CA VAL A 175 7.34 -10.47 4.53
C VAL A 175 7.89 -10.98 3.22
N ASP A 176 8.03 -10.11 2.19
CA ASP A 176 8.50 -10.50 0.87
C ASP A 176 9.91 -10.08 0.55
N VAL A 177 10.68 -9.71 1.60
CA VAL A 177 11.97 -9.19 1.40
C VAL A 177 12.93 -9.93 2.32
N PRO A 178 13.20 -11.23 2.05
CA PRO A 178 14.27 -11.89 2.79
C PRO A 178 15.57 -11.18 2.50
N TRP A 179 15.70 -10.71 1.28
CA TRP A 179 16.69 -9.69 0.90
C TRP A 179 16.09 -8.87 -0.24
N MET A 180 16.76 -7.77 -0.63
CA MET A 180 16.26 -6.92 -1.77
C MET A 180 16.40 -7.54 -3.18
N GLY A 181 15.38 -7.38 -4.02
CA GLY A 181 15.45 -7.73 -5.43
C GLY A 181 16.51 -6.93 -6.21
N ARG A 182 16.93 -7.51 -7.34
CA ARG A 182 18.00 -6.94 -8.17
C ARG A 182 17.35 -5.87 -9.07
N ARG A 183 17.58 -4.62 -8.72
CA ARG A 183 17.02 -3.51 -9.48
C ARG A 183 18.02 -3.06 -10.54
N LEU A 184 17.83 -3.52 -11.77
CA LEU A 184 18.85 -3.32 -12.81
C LEU A 184 18.97 -1.83 -13.20
N ARG A 185 17.89 -1.04 -13.08
CA ARG A 185 18.00 0.42 -13.29
C ARG A 185 19.02 1.03 -12.32
N ASP A 186 18.90 0.66 -11.03
CA ASP A 186 19.82 1.16 -9.97
C ASP A 186 21.26 0.70 -10.20
N MET A 187 21.42 -0.59 -10.47
CA MET A 187 22.73 -1.15 -10.80
C MET A 187 23.34 -0.43 -12.01
N ARG A 188 22.58 -0.27 -13.08
CA ARG A 188 23.07 0.43 -14.27
C ARG A 188 23.43 1.87 -13.94
N ASN A 189 22.57 2.54 -13.17
CA ASN A 189 22.78 3.94 -12.78
C ASN A 189 23.92 4.09 -11.76
N GLY A 190 24.42 2.99 -11.20
CA GLY A 190 25.23 3.07 -9.97
C GLY A 190 24.53 3.98 -8.96
N PHE A 191 23.25 3.72 -8.68
CA PHE A 191 22.46 4.59 -7.81
C PHE A 191 22.71 4.23 -6.37
N ALA A 192 22.86 5.25 -5.53
CA ALA A 192 23.10 5.06 -4.10
C ALA A 192 22.43 6.21 -3.40
N LEU A 193 22.14 6.04 -2.11
CA LEU A 193 21.52 7.10 -1.35
C LEU A 193 22.44 8.29 -1.32
N PRO A 194 21.94 9.45 -1.72
CA PRO A 194 22.63 10.68 -1.38
C PRO A 194 23.00 10.74 0.10
N GLU A 195 24.09 11.45 0.36
CA GLU A 195 24.59 11.68 1.72
C GLU A 195 23.56 12.45 2.57
N TRP A 196 22.71 13.28 1.95
CA TRP A 196 21.66 14.06 2.69
C TRP A 196 20.34 13.26 2.97
N VAL A 197 20.32 11.97 2.61
CA VAL A 197 19.21 11.08 2.99
C VAL A 197 19.78 9.99 3.87
N THR A 198 19.21 9.82 5.06
CA THR A 198 19.58 8.73 5.95
C THR A 198 18.35 7.94 6.44
N ALA A 199 18.61 6.74 6.94
CA ALA A 199 17.61 5.97 7.67
C ALA A 199 17.48 6.53 9.10
N ALA A 200 16.54 7.47 9.23
CA ALA A 200 16.40 8.25 10.46
C ALA A 200 15.99 7.49 11.68
N ASN A 201 15.50 6.25 11.53
CA ASN A 201 15.11 5.50 12.68
C ASN A 201 16.32 4.84 13.35
N PHE A 202 17.46 4.89 12.67
CA PHE A 202 18.68 4.21 13.15
C PHE A 202 19.78 5.20 13.58
N ASP A 203 20.66 4.74 14.46
CA ASP A 203 21.72 5.56 15.06
C ASP A 203 23.12 5.08 14.64
N PHE A 226 19.80 -6.32 9.00
CA PHE A 226 18.55 -6.95 8.57
C PHE A 226 18.72 -8.44 8.36
N ALA A 227 17.65 -9.21 8.58
CA ALA A 227 17.63 -10.67 8.40
C ALA A 227 16.28 -11.15 7.84
N PRO A 228 16.26 -12.30 7.16
CA PRO A 228 14.95 -12.80 6.67
C PRO A 228 13.90 -13.14 7.77
N ALA A 229 12.68 -12.69 7.59
CA ALA A 229 11.63 -13.03 8.52
C ALA A 229 11.12 -14.41 8.26
N THR A 230 10.66 -15.08 9.33
CA THR A 230 9.99 -16.34 9.26
C THR A 230 8.69 -16.26 10.04
N TRP A 231 7.94 -17.36 10.05
CA TRP A 231 6.73 -17.43 10.80
C TRP A 231 7.00 -17.27 12.30
N GLU A 232 8.15 -17.72 12.74
CA GLU A 232 8.56 -17.48 14.13
C GLU A 232 8.67 -15.95 14.43
N SER A 233 9.16 -15.17 13.48
CA SER A 233 9.27 -13.71 13.65
C SER A 233 7.90 -13.06 13.75
N VAL A 234 6.95 -13.54 12.94
CA VAL A 234 5.55 -13.10 13.03
C VAL A 234 4.99 -13.35 14.40
N GLU A 235 5.25 -14.55 14.94
CA GLU A 235 4.75 -14.87 16.26
C GLU A 235 5.36 -13.95 17.32
N ALA A 236 6.63 -13.67 17.20
CA ALA A 236 7.33 -12.80 18.18
C ALA A 236 6.69 -11.39 18.14
N VAL A 237 6.39 -10.92 16.95
CA VAL A 237 5.72 -9.64 16.84
C VAL A 237 4.37 -9.71 17.44
N ARG A 238 3.57 -10.70 17.09
CA ARG A 238 2.20 -10.81 17.54
C ARG A 238 2.13 -10.92 19.07
N ALA A 239 3.10 -11.60 19.67
CA ALA A 239 3.14 -11.76 21.13
C ALA A 239 3.53 -10.47 21.85
N HIS A 240 4.14 -9.52 21.15
CA HIS A 240 4.67 -8.34 21.78
C HIS A 240 3.88 -7.07 21.53
N THR A 241 2.74 -7.16 20.87
CA THR A 241 1.96 -5.96 20.63
C THR A 241 0.52 -6.31 20.70
N ASP A 242 -0.30 -5.35 21.10
CA ASP A 242 -1.73 -5.51 20.95
C ASP A 242 -2.21 -4.90 19.62
N LEU A 243 -1.34 -4.30 18.83
CA LEU A 243 -1.80 -3.74 17.55
C LEU A 243 -2.04 -4.85 16.56
N PRO A 244 -2.97 -4.65 15.61
CA PRO A 244 -3.07 -5.62 14.49
C PRO A 244 -1.82 -5.74 13.71
N VAL A 245 -1.43 -6.98 13.40
CA VAL A 245 -0.28 -7.28 12.63
C VAL A 245 -0.79 -7.62 11.21
N VAL A 246 -0.23 -6.94 10.24
CA VAL A 246 -0.66 -7.06 8.84
C VAL A 246 0.51 -7.56 8.03
N LEU A 247 0.41 -8.70 7.34
CA LEU A 247 1.55 -9.23 6.66
C LEU A 247 1.50 -8.76 5.22
N LYS A 248 2.51 -8.02 4.79
CA LYS A 248 2.53 -7.39 3.48
C LYS A 248 3.46 -8.21 2.56
N GLY A 249 2.91 -8.65 1.43
CA GLY A 249 3.65 -9.36 0.41
C GLY A 249 3.22 -10.85 0.32
N ILE A 250 2.01 -11.16 0.69
CA ILE A 250 1.45 -12.52 0.58
C ILE A 250 0.85 -12.68 -0.82
N LEU A 251 1.19 -13.80 -1.50
CA LEU A 251 0.62 -14.11 -2.78
C LEU A 251 0.03 -15.54 -2.83
N ALA A 252 0.57 -16.48 -2.05
CA ALA A 252 0.03 -17.86 -2.11
C ALA A 252 -1.19 -17.99 -1.19
N VAL A 253 -2.21 -18.72 -1.66
CA VAL A 253 -3.36 -18.99 -0.87
C VAL A 253 -3.05 -19.62 0.45
N GLU A 254 -2.16 -20.61 0.46
CA GLU A 254 -1.88 -21.25 1.77
CA GLU A 254 -1.72 -21.31 1.67
C GLU A 254 -1.10 -20.32 2.71
N ASP A 255 -0.33 -19.39 2.21
CA ASP A 255 0.27 -18.35 3.07
C ASP A 255 -0.80 -17.40 3.62
N ALA A 256 -1.85 -17.07 2.87
CA ALA A 256 -2.93 -16.28 3.41
C ALA A 256 -3.64 -17.01 4.52
N ARG A 257 -3.90 -18.31 4.30
CA ARG A 257 -4.59 -19.04 5.36
C ARG A 257 -3.75 -19.17 6.59
N ARG A 258 -2.46 -19.41 6.41
CA ARG A 258 -1.57 -19.51 7.52
C ARG A 258 -1.44 -18.19 8.25
N ALA A 259 -1.55 -17.08 7.50
CA ALA A 259 -1.48 -15.78 8.17
C ALA A 259 -2.66 -15.63 9.11
N VAL A 260 -3.83 -16.09 8.71
CA VAL A 260 -4.95 -16.03 9.61
C VAL A 260 -4.70 -16.87 10.85
N ASP A 261 -4.26 -18.08 10.62
CA ASP A 261 -3.96 -19.05 11.71
C ASP A 261 -2.95 -18.49 12.64
N ALA A 262 -1.98 -17.76 12.12
CA ALA A 262 -0.97 -17.07 12.91
C ALA A 262 -1.42 -15.84 13.69
N GLY A 263 -2.65 -15.41 13.55
CA GLY A 263 -3.21 -14.30 14.32
C GLY A 263 -3.01 -12.93 13.63
N ALA A 264 -2.68 -12.92 12.34
CA ALA A 264 -2.63 -11.64 11.60
C ALA A 264 -3.99 -11.03 11.60
N GLY A 265 -4.02 -9.72 11.73
CA GLY A 265 -5.28 -8.99 11.53
C GLY A 265 -5.54 -8.54 10.10
N GLY A 266 -4.52 -8.66 9.27
CA GLY A 266 -4.70 -8.45 7.84
C GLY A 266 -3.56 -8.96 7.06
N ILE A 267 -3.72 -8.93 5.72
CA ILE A 267 -2.61 -9.17 4.81
C ILE A 267 -2.67 -8.16 3.69
N VAL A 268 -1.57 -7.93 3.03
CA VAL A 268 -1.57 -7.15 1.79
C VAL A 268 -1.07 -8.09 0.71
N VAL A 269 -1.96 -8.40 -0.20
CA VAL A 269 -1.71 -9.24 -1.33
C VAL A 269 -0.96 -8.37 -2.34
N SER A 270 0.29 -8.74 -2.59
CA SER A 270 1.25 -7.83 -3.21
C SER A 270 2.46 -8.52 -3.73
N ASN A 271 2.97 -8.07 -4.86
CA ASN A 271 4.29 -8.50 -5.35
C ASN A 271 5.32 -7.37 -5.19
N HIS A 272 5.05 -6.47 -4.27
CA HIS A 272 5.98 -5.39 -3.90
C HIS A 272 6.22 -4.47 -5.08
N GLY A 273 5.16 -4.22 -5.85
CA GLY A 273 5.28 -3.28 -6.92
C GLY A 273 6.22 -3.75 -8.01
N GLY A 274 6.39 -5.08 -8.13
CA GLY A 274 7.26 -5.64 -9.14
C GLY A 274 8.74 -5.46 -8.87
N ARG A 275 9.07 -5.18 -7.61
CA ARG A 275 10.45 -4.88 -7.19
C ARG A 275 11.16 -6.04 -6.50
N GLN A 276 10.43 -7.13 -6.25
CA GLN A 276 11.02 -8.26 -5.55
C GLN A 276 11.24 -9.42 -6.52
N LEU A 277 10.46 -10.49 -6.45
CA LEU A 277 10.70 -11.54 -7.50
C LEU A 277 10.17 -11.07 -8.84
N ASP A 278 11.03 -11.02 -9.87
CA ASP A 278 10.59 -10.75 -11.21
C ASP A 278 9.96 -12.05 -11.77
N GLY A 279 8.70 -11.94 -12.14
CA GLY A 279 7.90 -13.14 -12.47
C GLY A 279 6.93 -13.56 -11.41
N ALA A 280 6.93 -12.90 -10.25
CA ALA A 280 5.88 -13.08 -9.28
C ALA A 280 4.54 -12.60 -9.87
N VAL A 281 3.51 -13.42 -9.68
CA VAL A 281 2.16 -13.06 -10.02
C VAL A 281 1.71 -11.73 -9.43
N PRO A 282 0.93 -10.95 -10.16
CA PRO A 282 0.36 -9.74 -9.50
C PRO A 282 -0.61 -10.10 -8.44
N GLY A 283 -0.61 -9.33 -7.37
CA GLY A 283 -1.57 -9.53 -6.31
C GLY A 283 -3.01 -9.54 -6.73
N ILE A 284 -3.36 -8.65 -7.68
CA ILE A 284 -4.73 -8.56 -8.14
CA ILE A 284 -4.73 -8.55 -8.19
C ILE A 284 -5.22 -9.90 -8.76
N GLU A 285 -4.27 -10.67 -9.32
CA GLU A 285 -4.60 -12.00 -9.91
C GLU A 285 -4.86 -13.05 -8.84
N MET A 286 -4.34 -12.90 -7.61
CA MET A 286 -4.54 -13.87 -6.54
C MET A 286 -5.61 -13.45 -5.60
N LEU A 287 -6.02 -12.17 -5.69
CA LEU A 287 -6.90 -11.61 -4.69
C LEU A 287 -8.21 -12.34 -4.44
N GLY A 288 -8.94 -12.63 -5.52
CA GLY A 288 -10.23 -13.28 -5.38
C GLY A 288 -10.09 -14.66 -4.67
N GLU A 289 -9.11 -15.44 -5.11
N GLU A 289 -9.09 -15.42 -5.05
CA GLU A 289 -8.81 -16.75 -4.52
CA GLU A 289 -8.85 -16.73 -4.48
C GLU A 289 -8.51 -16.61 -3.03
C GLU A 289 -8.47 -16.64 -3.01
N ILE A 290 -7.68 -15.63 -2.69
CA ILE A 290 -7.30 -15.38 -1.32
C ILE A 290 -8.45 -14.92 -0.45
N VAL A 291 -9.30 -14.02 -0.98
CA VAL A 291 -10.47 -13.60 -0.21
C VAL A 291 -11.39 -14.77 0.10
N ALA A 292 -11.59 -15.66 -0.86
CA ALA A 292 -12.47 -16.79 -0.63
C ALA A 292 -11.84 -17.71 0.43
N ALA A 293 -10.53 -17.90 0.35
CA ALA A 293 -9.83 -18.78 1.34
C ALA A 293 -9.82 -18.32 2.80
N VAL A 294 -9.72 -17.02 3.05
N VAL A 294 -9.75 -16.99 2.96
CA VAL A 294 -9.71 -16.53 4.43
CA VAL A 294 -9.62 -16.31 4.22
C VAL A 294 -11.11 -16.39 4.99
C VAL A 294 -10.94 -16.35 5.02
N SER A 295 -12.08 -16.23 4.10
N SER A 295 -12.05 -16.52 4.31
CA SER A 295 -13.50 -16.26 4.47
CA SER A 295 -13.40 -16.58 4.90
C SER A 295 -13.77 -15.45 5.72
C SER A 295 -13.63 -15.48 5.95
N GLY A 296 -13.34 -14.21 5.63
CA GLY A 296 -13.55 -13.21 6.66
C GLY A 296 -12.64 -13.20 7.87
N GLY A 297 -11.62 -14.03 7.87
CA GLY A 297 -10.76 -14.17 9.03
C GLY A 297 -9.74 -13.07 9.26
N CYS A 298 -9.47 -12.23 8.26
CA CYS A 298 -8.63 -11.06 8.40
C CYS A 298 -9.00 -10.09 7.27
N GLU A 299 -8.53 -8.86 7.34
CA GLU A 299 -8.74 -7.89 6.28
C GLU A 299 -7.82 -8.28 5.17
N VAL A 300 -8.25 -8.13 3.92
CA VAL A 300 -7.40 -8.47 2.81
C VAL A 300 -7.24 -7.23 1.95
N LEU A 301 -6.04 -6.64 2.01
CA LEU A 301 -5.69 -5.53 1.19
C LEU A 301 -4.92 -5.97 -0.05
N VAL A 302 -4.82 -5.09 -1.01
CA VAL A 302 -4.06 -5.37 -2.26
C VAL A 302 -3.32 -4.12 -2.68
N ASP A 303 -2.18 -4.30 -3.35
CA ASP A 303 -1.50 -3.18 -3.99
C ASP A 303 -0.89 -3.58 -5.27
N GLY A 304 -0.32 -2.61 -5.98
CA GLY A 304 0.35 -2.84 -7.23
C GLY A 304 -0.43 -2.24 -8.38
N GLY A 305 -0.02 -1.06 -8.85
CA GLY A 305 -0.64 -0.45 -10.03
C GLY A 305 -1.90 0.28 -9.88
N ILE A 306 -2.39 0.49 -8.66
CA ILE A 306 -3.63 1.20 -8.46
C ILE A 306 -3.36 2.67 -8.88
N ARG A 307 -4.06 3.15 -9.89
CA ARG A 307 -3.77 4.48 -10.50
C ARG A 307 -5.03 5.33 -10.70
N SER A 308 -6.18 4.95 -10.17
CA SER A 308 -7.42 5.69 -10.36
C SER A 308 -8.44 5.17 -9.41
N GLY A 309 -9.51 5.91 -9.23
CA GLY A 309 -10.66 5.42 -8.49
C GLY A 309 -11.32 4.20 -9.12
N GLY A 310 -11.35 4.13 -10.44
CA GLY A 310 -11.81 2.94 -11.07
C GLY A 310 -11.00 1.70 -10.71
N ASP A 311 -9.69 1.85 -10.58
CA ASP A 311 -8.83 0.73 -10.18
C ASP A 311 -9.18 0.32 -8.74
N VAL A 312 -9.45 1.28 -7.86
CA VAL A 312 -9.89 0.97 -6.47
C VAL A 312 -11.17 0.21 -6.53
N LEU A 313 -12.07 0.61 -7.40
CA LEU A 313 -13.36 -0.08 -7.53
C LEU A 313 -13.12 -1.52 -7.97
N LYS A 314 -12.24 -1.70 -8.94
CA LYS A 314 -11.91 -3.06 -9.41
C LYS A 314 -11.39 -3.93 -8.28
N ALA A 315 -10.45 -3.40 -7.51
CA ALA A 315 -9.89 -4.16 -6.38
C ALA A 315 -10.94 -4.51 -5.36
N THR A 316 -11.85 -3.57 -5.05
CA THR A 316 -12.96 -3.77 -4.16
CA THR A 316 -12.91 -3.87 -4.11
C THR A 316 -13.88 -4.88 -4.67
N ALA A 317 -14.18 -4.78 -5.98
CA ALA A 317 -15.13 -5.74 -6.57
C ALA A 317 -14.52 -7.16 -6.54
N LEU A 318 -13.20 -7.22 -6.59
CA LEU A 318 -12.50 -8.54 -6.47
C LEU A 318 -12.39 -9.02 -5.06
N GLY A 319 -12.76 -8.19 -4.11
CA GLY A 319 -12.89 -8.56 -2.71
C GLY A 319 -12.00 -7.86 -1.70
N ALA A 320 -11.14 -6.96 -2.16
CA ALA A 320 -10.24 -6.25 -1.27
C ALA A 320 -11.01 -5.36 -0.26
N SER A 321 -10.53 -5.35 0.97
CA SER A 321 -11.00 -4.46 2.02
C SER A 321 -10.55 -3.00 1.73
N ALA A 322 -9.36 -2.87 1.18
CA ALA A 322 -8.75 -1.58 0.88
C ALA A 322 -7.55 -1.80 0.01
N VAL A 323 -7.00 -0.71 -0.53
CA VAL A 323 -5.81 -0.80 -1.34
C VAL A 323 -4.67 0.02 -0.73
N LEU A 324 -3.47 -0.25 -1.13
CA LEU A 324 -2.36 0.67 -0.91
C LEU A 324 -1.99 1.29 -2.24
N VAL A 325 -1.52 2.53 -2.18
CA VAL A 325 -1.03 3.25 -3.35
C VAL A 325 0.39 3.78 -3.04
N GLY A 326 1.34 3.46 -3.91
CA GLY A 326 2.74 3.78 -3.69
C GLY A 326 3.24 4.84 -4.61
N ARG A 327 3.70 4.42 -5.79
CA ARG A 327 4.32 5.39 -6.70
C ARG A 327 3.55 6.70 -6.96
N PRO A 328 2.22 6.68 -7.19
CA PRO A 328 1.50 7.95 -7.50
C PRO A 328 1.66 8.98 -6.37
N VAL A 329 1.73 8.50 -5.12
CA VAL A 329 1.84 9.42 -3.96
C VAL A 329 3.21 10.13 -4.04
N MET A 330 4.24 9.42 -4.46
CA MET A 330 5.56 9.95 -4.60
C MET A 330 5.64 10.87 -5.81
N TRP A 331 4.92 10.58 -6.87
CA TRP A 331 4.85 11.54 -8.01
C TRP A 331 4.27 12.89 -7.49
N ALA A 332 3.20 12.85 -6.71
CA ALA A 332 2.54 14.05 -6.24
C ALA A 332 3.46 14.81 -5.28
N LEU A 333 4.15 14.07 -4.40
CA LEU A 333 5.15 14.62 -3.51
C LEU A 333 6.26 15.33 -4.27
N ALA A 334 6.80 14.67 -5.27
CA ALA A 334 7.88 15.24 -6.07
C ALA A 334 7.43 16.51 -6.78
N ALA A 335 6.22 16.46 -7.30
CA ALA A 335 5.73 17.53 -8.13
C ALA A 335 5.39 18.76 -7.34
N ALA A 336 4.79 18.60 -6.17
CA ALA A 336 4.22 19.73 -5.46
C ALA A 336 4.16 19.59 -3.96
N GLY A 337 4.99 18.74 -3.38
CA GLY A 337 5.12 18.64 -1.94
C GLY A 337 3.84 18.26 -1.28
N GLN A 338 3.60 18.78 -0.10
CA GLN A 338 2.37 18.50 0.59
C GLN A 338 1.11 18.80 -0.20
N ASP A 339 1.05 19.97 -0.83
CA ASP A 339 -0.13 20.37 -1.60
CA ASP A 339 -0.19 20.33 -1.51
C ASP A 339 -0.39 19.37 -2.71
N GLY A 340 0.70 18.91 -3.32
CA GLY A 340 0.67 17.90 -4.39
C GLY A 340 -0.03 16.62 -3.92
N VAL A 341 0.40 16.09 -2.77
CA VAL A 341 -0.23 14.85 -2.24
C VAL A 341 -1.67 15.12 -1.86
N ARG A 342 -1.97 16.26 -1.21
CA ARG A 342 -3.36 16.59 -0.93
C ARG A 342 -4.22 16.59 -2.20
N GLN A 343 -3.73 17.18 -3.29
CA GLN A 343 -4.49 17.25 -4.52
C GLN A 343 -4.72 15.83 -5.12
N LEU A 344 -3.66 15.03 -5.04
CA LEU A 344 -3.79 13.61 -5.48
C LEU A 344 -4.87 12.91 -4.71
N LEU A 345 -4.83 13.03 -3.39
CA LEU A 345 -5.81 12.35 -2.56
C LEU A 345 -7.20 12.86 -2.77
N GLU A 346 -7.35 14.17 -3.04
CA GLU A 346 -8.67 14.69 -3.37
C GLU A 346 -9.19 14.15 -4.72
N LEU A 347 -8.32 14.07 -5.71
CA LEU A 347 -8.68 13.50 -7.01
C LEU A 347 -9.09 12.01 -6.85
N LEU A 348 -8.26 11.24 -6.14
CA LEU A 348 -8.67 9.84 -5.84
C LEU A 348 -9.97 9.73 -5.15
N ALA A 349 -10.21 10.56 -4.11
CA ALA A 349 -11.47 10.55 -3.41
C ALA A 349 -12.66 10.78 -4.35
N GLU A 350 -12.52 11.76 -5.21
CA GLU A 350 -13.58 12.12 -6.13
C GLU A 350 -13.76 10.93 -7.14
N GLU A 351 -12.67 10.38 -7.61
CA GLU A 351 -12.72 9.25 -8.61
C GLU A 351 -13.37 8.03 -7.97
N VAL A 352 -13.07 7.74 -6.70
CA VAL A 352 -13.65 6.57 -6.03
C VAL A 352 -15.15 6.77 -5.84
N ARG A 353 -15.58 7.94 -5.34
N ARG A 353 -15.55 7.95 -5.36
CA ARG A 353 -17.01 8.22 -5.23
CA ARG A 353 -16.93 8.23 -5.20
C ARG A 353 -17.77 8.10 -6.55
C ARG A 353 -17.74 8.15 -6.51
N ASP A 354 -17.18 8.69 -7.59
CA ASP A 354 -17.74 8.71 -8.96
CA ASP A 354 -17.84 8.69 -8.86
C ASP A 354 -17.97 7.26 -9.42
N ALA A 355 -16.90 6.46 -9.30
CA ALA A 355 -16.91 5.06 -9.76
C ALA A 355 -17.90 4.28 -9.01
N MET A 356 -17.95 4.42 -7.66
CA MET A 356 -18.92 3.71 -6.86
C MET A 356 -20.36 4.00 -7.25
N GLY A 357 -20.67 5.28 -7.39
CA GLY A 357 -22.02 5.64 -7.73
C GLY A 357 -22.42 5.22 -9.11
N LEU A 358 -21.55 5.40 -10.10
CA LEU A 358 -21.79 4.89 -11.47
C LEU A 358 -22.02 3.38 -11.48
N ALA A 359 -21.42 2.66 -10.51
CA ALA A 359 -21.62 1.22 -10.37
C ALA A 359 -22.76 0.83 -9.45
N GLY A 360 -23.50 1.81 -8.94
CA GLY A 360 -24.69 1.51 -8.12
C GLY A 360 -24.37 1.15 -6.66
N CYS A 361 -23.23 1.62 -6.14
CA CYS A 361 -22.80 1.26 -4.80
C CYS A 361 -22.80 2.45 -3.90
N GLU A 362 -23.61 2.37 -2.87
CA GLU A 362 -23.68 3.45 -1.88
C GLU A 362 -22.62 3.31 -0.77
N SER A 363 -21.97 2.16 -0.70
CA SER A 363 -20.98 1.87 0.30
C SER A 363 -19.89 0.97 -0.27
N VAL A 364 -18.74 0.96 0.35
CA VAL A 364 -17.69 0.02 -0.08
C VAL A 364 -18.15 -1.46 0.01
N GLY A 365 -18.89 -1.83 1.06
CA GLY A 365 -19.42 -3.20 1.17
C GLY A 365 -20.20 -3.58 -0.07
N ALA A 366 -21.05 -2.68 -0.58
CA ALA A 366 -21.78 -2.95 -1.79
C ALA A 366 -20.84 -3.14 -2.98
N ALA A 367 -19.79 -2.32 -3.04
CA ALA A 367 -18.82 -2.47 -4.10
C ALA A 367 -18.12 -3.86 -4.07
N ARG A 368 -17.93 -4.43 -2.87
CA ARG A 368 -17.34 -5.72 -2.75
C ARG A 368 -18.24 -6.81 -3.31
N ARG A 369 -19.56 -6.56 -3.37
CA ARG A 369 -20.48 -7.52 -3.92
C ARG A 369 -20.66 -7.37 -5.47
N LEU A 370 -20.05 -6.36 -6.08
CA LEU A 370 -20.04 -6.29 -7.56
C LEU A 370 -19.39 -7.52 -8.18
N ASN A 371 -19.91 -7.96 -9.32
CA ASN A 371 -19.22 -8.95 -10.13
C ASN A 371 -18.32 -8.31 -11.22
N THR A 372 -17.40 -9.09 -11.73
CA THR A 372 -16.43 -8.68 -12.71
C THR A 372 -16.39 -9.64 -13.83
N LYS A 373 -15.79 -9.23 -14.92
CA LYS A 373 -15.59 -10.10 -16.12
CA LYS A 373 -15.57 -10.11 -16.08
C LYS A 373 -14.18 -9.81 -16.62
N LEU A 374 -13.39 -10.84 -16.93
CA LEU A 374 -12.08 -10.62 -17.52
C LEU A 374 -12.14 -10.41 -19.02
N GLY A 375 -11.47 -9.40 -19.53
CA GLY A 375 -11.47 -9.10 -20.96
C GLY A 375 -10.15 -9.53 -21.59
N VAL A 376 -9.97 -9.21 -22.86
CA VAL A 376 -8.68 -9.40 -23.54
C VAL A 376 -8.40 -8.20 -24.45
N1 FMN B . 7.36 -1.72 0.62
C2 FMN B . 7.69 -2.03 1.87
O2 FMN B . 7.07 -2.92 2.50
N3 FMN B . 8.68 -1.34 2.52
C4 FMN B . 9.45 -0.43 1.91
O4 FMN B . 10.39 0.20 2.52
C4A FMN B . 9.16 -0.07 0.53
N5 FMN B . 9.85 0.87 -0.16
C5A FMN B . 9.52 1.19 -1.42
C6 FMN B . 10.21 2.13 -2.15
C7 FMN B . 9.85 2.47 -3.46
C7M FMN B . 10.59 3.57 -4.19
C8 FMN B . 8.71 1.83 -4.09
C8M FMN B . 8.31 2.21 -5.48
C9 FMN B . 8.02 0.89 -3.34
C9A FMN B . 8.40 0.52 -2.09
N10 FMN B . 7.70 -0.50 -1.36
C10 FMN B . 8.05 -0.83 -0.09
C1' FMN B . 6.56 -1.15 -2.05
C2' FMN B . 5.24 -0.44 -1.82
O2' FMN B . 4.86 -0.49 -0.44
C3' FMN B . 4.09 -1.06 -2.64
O3' FMN B . 3.99 -2.47 -2.41
C4' FMN B . 4.25 -0.84 -4.11
O4' FMN B . 4.93 0.39 -4.45
C5' FMN B . 2.79 -0.77 -4.59
O5' FMN B . 2.78 -0.58 -5.88
P FMN B . 2.47 0.86 -6.59
O1P FMN B . 3.74 1.63 -6.36
O2P FMN B . 2.32 0.37 -7.99
O3P FMN B . 1.21 1.55 -6.10
C1 PAC C . 11.71 -1.64 -1.45
C2 PAC C . 12.44 -0.32 -1.40
C1' PAC C . 13.78 -0.26 -0.73
C2' PAC C . 14.04 -0.94 0.44
C3' PAC C . 15.32 -0.82 0.96
C4' PAC C . 16.30 -0.02 0.36
C5' PAC C . 16.00 0.68 -0.79
C6' PAC C . 14.73 0.55 -1.33
O1 PAC C . 11.33 -2.18 -0.31
O2 PAC C . 11.46 -2.03 -2.67
#